data_6SSZ
#
_entry.id   6SSZ
#
_cell.length_a   109.431
_cell.length_b   109.431
_cell.length_c   107.254
_cell.angle_alpha   90.00
_cell.angle_beta   90.00
_cell.angle_gamma   120.00
#
_symmetry.space_group_name_H-M   'P 32 2 1'
#
loop_
_entity.id
_entity.type
_entity.pdbx_description
1 polymer 'Cysteine proteinase falcipain 2a'
2 non-polymer (~{E})-3-(1,3-benzodioxol-5-yl)-1-(3-nitrophenyl)prop-2-en-1-one
#
_entity_poly.entity_id   1
_entity_poly.type   'polypeptide(L)'
_entity_poly.pdbx_seq_one_letter_code
;GPQMNYEEVIKKYRGEENFDHAAYDWRLHSGVTPVKDQKNCGSAWAFSSIGSVESQYAIRKNKLITLSEQELVDCSFKNY
GCNGGLINNAFEDMIELGGICPDGDYPYVSDAPNLCNIDRCTEKYGIKNYLSVPDNKLKEALRFLGPISISVAVSDDFAF
YKEGIFDGECGDQLNHAVMLVGFGMKEIVNPLTKKGEKHYYYIIKNSWGQQWGERGFINIETDESGLMRKCGLGTDAFIP
LI
;
_entity_poly.pdbx_strand_id   A,B
#
# COMPACT_ATOMS: atom_id res chain seq x y z
N PRO A 2 27.06 -9.39 -26.05
CA PRO A 2 26.56 -8.14 -26.64
C PRO A 2 25.14 -7.81 -26.18
N GLN A 3 24.76 -6.52 -26.28
CA GLN A 3 23.41 -6.06 -25.93
C GLN A 3 22.50 -6.16 -27.15
N MET A 4 21.33 -5.48 -27.11
CA MET A 4 20.40 -5.49 -28.25
C MET A 4 20.17 -4.08 -28.80
N ASN A 5 19.62 -4.01 -30.02
CA ASN A 5 19.30 -2.75 -30.71
C ASN A 5 17.92 -2.30 -30.26
N TYR A 6 17.85 -1.09 -29.67
CA TYR A 6 16.61 -0.52 -29.15
C TYR A 6 15.54 -0.37 -30.21
N GLU A 7 15.89 0.21 -31.37
CA GLU A 7 14.95 0.45 -32.46
C GLU A 7 14.35 -0.85 -33.01
N GLU A 8 15.14 -1.95 -33.00
CA GLU A 8 14.68 -3.27 -33.46
C GLU A 8 13.76 -3.93 -32.43
N VAL A 9 14.05 -3.72 -31.14
CA VAL A 9 13.27 -4.30 -30.04
C VAL A 9 11.95 -3.53 -29.86
N ILE A 10 11.98 -2.18 -29.91
CA ILE A 10 10.79 -1.32 -29.74
C ILE A 10 9.78 -1.54 -30.89
N LYS A 11 10.25 -1.85 -32.12
CA LYS A 11 9.42 -2.17 -33.28
C LYS A 11 8.51 -3.37 -32.96
N LYS A 12 9.09 -4.37 -32.23
CA LYS A 12 8.51 -5.64 -31.79
C LYS A 12 7.44 -5.48 -30.71
N TYR A 13 7.68 -4.60 -29.71
CA TYR A 13 6.80 -4.40 -28.56
C TYR A 13 5.82 -3.25 -28.70
N ARG A 14 6.16 -2.18 -29.43
CA ARG A 14 5.25 -1.04 -29.65
C ARG A 14 4.48 -1.19 -30.96
N GLY A 15 5.19 -1.35 -32.07
CA GLY A 15 4.61 -1.43 -33.40
C GLY A 15 4.36 -0.02 -33.90
N GLU A 16 3.09 0.28 -34.21
CA GLU A 16 2.66 1.60 -34.69
C GLU A 16 1.78 2.31 -33.65
N GLU A 17 1.43 1.57 -32.58
CA GLU A 17 0.60 1.97 -31.44
C GLU A 17 1.14 3.27 -30.82
N ASN A 18 0.29 4.31 -30.69
CA ASN A 18 0.65 5.56 -30.02
C ASN A 18 0.26 5.46 -28.51
N PHE A 19 0.72 6.40 -27.66
CA PHE A 19 0.43 6.32 -26.23
C PHE A 19 0.33 7.70 -25.56
N ASP A 20 -0.30 7.74 -24.36
CA ASP A 20 -0.46 8.93 -23.52
C ASP A 20 0.83 9.17 -22.73
N HIS A 21 1.43 10.36 -22.93
CA HIS A 21 2.69 10.79 -22.31
C HIS A 21 2.47 11.39 -20.92
N ALA A 22 1.20 11.50 -20.53
CA ALA A 22 0.75 12.15 -19.32
C ALA A 22 1.01 11.32 -18.08
N ALA A 23 0.35 10.14 -17.98
CA ALA A 23 0.48 9.27 -16.83
C ALA A 23 0.39 7.80 -17.21
N TYR A 24 1.26 7.02 -16.54
CA TYR A 24 1.46 5.60 -16.65
C TYR A 24 2.30 5.05 -15.54
N ASP A 25 1.83 4.00 -14.86
CA ASP A 25 2.53 3.47 -13.69
C ASP A 25 2.39 1.97 -13.56
N TRP A 26 3.53 1.26 -13.68
CA TRP A 26 3.62 -0.19 -13.62
C TRP A 26 3.22 -0.83 -12.29
N ARG A 27 3.22 -0.03 -11.21
CA ARG A 27 2.81 -0.48 -9.89
C ARG A 27 1.35 -0.93 -9.97
N LEU A 28 0.55 -0.24 -10.79
CA LEU A 28 -0.87 -0.52 -10.97
C LEU A 28 -1.12 -1.62 -11.97
N HIS A 29 -0.11 -2.06 -12.72
CA HIS A 29 -0.34 -3.09 -13.73
C HIS A 29 0.55 -4.31 -13.52
N SER A 30 0.69 -4.76 -12.26
CA SER A 30 1.45 -5.95 -11.84
C SER A 30 2.86 -5.95 -12.46
N GLY A 31 3.53 -4.80 -12.40
CA GLY A 31 4.87 -4.64 -12.95
C GLY A 31 5.94 -4.22 -11.96
N VAL A 32 5.57 -3.98 -10.69
CA VAL A 32 6.55 -3.52 -9.69
C VAL A 32 6.51 -4.39 -8.41
N THR A 33 7.65 -5.08 -8.13
CA THR A 33 7.90 -5.96 -6.96
C THR A 33 8.12 -5.11 -5.66
N PRO A 34 8.07 -5.67 -4.42
CA PRO A 34 8.21 -4.82 -3.22
C PRO A 34 9.52 -4.09 -3.11
N VAL A 35 9.49 -2.93 -2.46
CA VAL A 35 10.66 -2.11 -2.20
C VAL A 35 11.57 -2.82 -1.19
N LYS A 36 12.88 -2.85 -1.48
CA LYS A 36 13.88 -3.50 -0.62
C LYS A 36 14.83 -2.47 -0.02
N ASP A 37 15.74 -2.88 0.88
CA ASP A 37 16.67 -1.96 1.55
C ASP A 37 18.11 -2.45 1.46
N GLN A 38 19.05 -1.51 1.32
CA GLN A 38 20.51 -1.68 1.29
C GLN A 38 21.04 -0.95 2.53
N LYS A 39 21.36 -1.67 3.58
CA LYS A 39 21.84 -0.94 4.73
C LYS A 39 23.36 -0.99 4.78
N ASN A 40 24.01 0.18 5.01
CA ASN A 40 25.46 0.40 5.11
C ASN A 40 26.24 -0.35 4.01
N CYS A 41 25.70 -0.29 2.77
CA CYS A 41 26.24 -0.99 1.64
C CYS A 41 25.92 -0.28 0.27
N GLY A 42 26.96 -0.09 -0.55
CA GLY A 42 26.88 0.49 -1.90
C GLY A 42 26.59 -0.55 -2.97
N SER A 43 25.49 -1.31 -2.80
CA SER A 43 25.03 -2.38 -3.69
C SER A 43 23.78 -2.00 -4.50
N ALA A 44 23.50 -0.67 -4.67
CA ALA A 44 22.33 -0.16 -5.40
C ALA A 44 22.22 -0.75 -6.81
N TRP A 45 23.38 -1.00 -7.43
CA TRP A 45 23.59 -1.58 -8.75
C TRP A 45 22.97 -2.96 -8.85
N ALA A 46 23.02 -3.76 -7.78
CA ALA A 46 22.44 -5.08 -7.69
C ALA A 46 20.95 -5.00 -7.44
N PHE A 47 20.48 -4.06 -6.59
CA PHE A 47 19.05 -3.89 -6.32
C PHE A 47 18.27 -3.40 -7.54
N SER A 48 18.83 -2.36 -8.23
CA SER A 48 18.30 -1.76 -9.43
C SER A 48 18.19 -2.77 -10.58
N SER A 49 19.25 -3.57 -10.85
CA SER A 49 19.23 -4.56 -11.94
C SER A 49 18.34 -5.77 -11.60
N ILE A 50 18.43 -6.34 -10.38
CA ILE A 50 17.61 -7.48 -9.94
C ILE A 50 16.14 -7.09 -10.05
N GLY A 51 15.76 -5.97 -9.44
CA GLY A 51 14.38 -5.47 -9.50
C GLY A 51 13.78 -5.40 -10.89
N SER A 52 14.61 -5.09 -11.90
CA SER A 52 14.19 -4.98 -13.29
C SER A 52 13.91 -6.34 -13.88
N VAL A 53 14.62 -7.35 -13.38
CA VAL A 53 14.44 -8.73 -13.81
C VAL A 53 13.13 -9.19 -13.18
N GLU A 54 12.97 -8.99 -11.86
CA GLU A 54 11.76 -9.32 -11.07
C GLU A 54 10.48 -8.79 -11.75
N SER A 55 10.59 -7.56 -12.30
CA SER A 55 9.54 -6.84 -13.00
C SER A 55 9.19 -7.55 -14.27
N GLN A 56 10.21 -7.97 -15.05
CA GLN A 56 9.99 -8.67 -16.32
C GLN A 56 9.30 -10.02 -16.11
N TYR A 57 9.56 -10.72 -14.99
CA TYR A 57 8.90 -11.98 -14.70
C TYR A 57 7.45 -11.76 -14.36
N ALA A 58 7.17 -10.68 -13.63
CA ALA A 58 5.82 -10.28 -13.26
C ALA A 58 5.01 -9.83 -14.47
N ILE A 59 5.67 -9.08 -15.41
CA ILE A 59 5.03 -8.55 -16.61
C ILE A 59 4.87 -9.63 -17.68
N ARG A 60 5.97 -10.26 -18.07
CA ARG A 60 5.97 -11.24 -19.15
C ARG A 60 5.52 -12.62 -18.75
N LYS A 61 5.69 -13.02 -17.48
CA LYS A 61 5.31 -14.38 -17.12
C LYS A 61 4.25 -14.48 -15.98
N ASN A 62 3.79 -13.30 -15.45
CA ASN A 62 2.87 -13.20 -14.29
C ASN A 62 3.38 -14.11 -13.12
N LYS A 63 4.71 -14.09 -12.95
CA LYS A 63 5.42 -14.84 -11.94
C LYS A 63 6.09 -13.86 -11.00
N LEU A 64 5.59 -13.79 -9.77
CA LEU A 64 6.19 -12.91 -8.79
C LEU A 64 7.32 -13.66 -8.18
N ILE A 65 8.51 -13.21 -8.50
CA ILE A 65 9.68 -13.83 -7.95
C ILE A 65 10.59 -12.73 -7.44
N THR A 66 11.08 -12.91 -6.21
CA THR A 66 11.99 -11.97 -5.57
C THR A 66 13.35 -12.67 -5.60
N LEU A 67 14.32 -12.08 -6.31
CA LEU A 67 15.63 -12.67 -6.52
C LEU A 67 16.71 -12.09 -5.59
N SER A 68 17.82 -12.85 -5.44
CA SER A 68 18.91 -12.55 -4.53
C SER A 68 19.90 -11.50 -5.03
N GLU A 69 19.89 -10.33 -4.36
CA GLU A 69 20.85 -9.26 -4.63
C GLU A 69 22.19 -9.69 -4.08
N GLN A 70 22.17 -10.46 -2.97
CA GLN A 70 23.33 -11.01 -2.27
C GLN A 70 24.13 -11.93 -3.20
N GLU A 71 23.44 -12.73 -4.03
CA GLU A 71 24.16 -13.58 -4.97
C GLU A 71 24.90 -12.70 -5.94
N LEU A 72 24.26 -11.61 -6.44
CA LEU A 72 24.91 -10.65 -7.35
C LEU A 72 26.09 -9.97 -6.67
N VAL A 73 25.91 -9.47 -5.42
CA VAL A 73 26.95 -8.82 -4.63
C VAL A 73 28.18 -9.77 -4.47
N ASP A 74 27.93 -11.05 -4.13
CA ASP A 74 28.96 -12.06 -3.90
C ASP A 74 29.61 -12.62 -5.15
N CYS A 75 28.79 -12.92 -6.16
CA CYS A 75 29.20 -13.68 -7.34
C CYS A 75 29.48 -12.82 -8.59
N SER A 76 28.85 -11.60 -8.74
CA SER A 76 29.18 -10.70 -9.86
C SER A 76 30.65 -10.35 -9.77
N PHE A 77 31.46 -10.83 -10.72
CA PHE A 77 32.89 -10.60 -10.65
C PHE A 77 33.40 -9.26 -11.35
N LYS A 78 32.59 -8.73 -12.29
CA LYS A 78 32.78 -7.50 -13.03
C LYS A 78 32.53 -6.29 -12.15
N ASN A 79 31.75 -6.49 -11.08
CA ASN A 79 31.39 -5.44 -10.13
C ASN A 79 32.08 -5.64 -8.78
N TYR A 80 31.99 -4.64 -7.93
CA TYR A 80 32.57 -4.59 -6.59
C TYR A 80 31.46 -4.41 -5.54
N GLY A 81 31.03 -5.54 -5.00
CA GLY A 81 29.98 -5.61 -3.99
C GLY A 81 30.23 -4.67 -2.81
N CYS A 82 29.22 -3.84 -2.45
CA CYS A 82 29.22 -2.85 -1.35
C CYS A 82 30.24 -1.69 -1.59
N ASN A 83 31.03 -1.77 -2.67
CA ASN A 83 32.00 -0.76 -3.07
C ASN A 83 31.54 -0.06 -4.38
N GLY A 84 30.52 -0.61 -5.02
CA GLY A 84 29.93 -0.05 -6.23
C GLY A 84 30.05 -0.93 -7.45
N GLY A 85 29.21 -0.65 -8.41
CA GLY A 85 29.17 -1.43 -9.64
C GLY A 85 28.37 -0.77 -10.73
N LEU A 86 28.34 -1.42 -11.90
CA LEU A 86 27.59 -0.96 -13.06
C LEU A 86 26.40 -1.88 -13.36
N ILE A 87 25.26 -1.29 -13.78
CA ILE A 87 24.00 -1.99 -14.10
C ILE A 87 24.25 -3.01 -15.24
N ASN A 88 24.91 -2.60 -16.35
CA ASN A 88 25.22 -3.43 -17.53
C ASN A 88 26.12 -4.63 -17.16
N ASN A 89 27.14 -4.44 -16.30
CA ASN A 89 28.04 -5.53 -15.84
C ASN A 89 27.28 -6.58 -15.06
N ALA A 90 26.33 -6.08 -14.23
CA ALA A 90 25.43 -6.88 -13.45
C ALA A 90 24.68 -7.79 -14.39
N PHE A 91 24.04 -7.24 -15.43
CA PHE A 91 23.30 -8.05 -16.39
C PHE A 91 24.18 -9.06 -17.11
N GLU A 92 25.43 -8.67 -17.43
CA GLU A 92 26.39 -9.54 -18.11
C GLU A 92 26.73 -10.75 -17.26
N ASP A 93 26.88 -10.51 -15.95
CA ASP A 93 27.21 -11.53 -14.98
C ASP A 93 26.00 -12.44 -14.68
N MET A 94 24.75 -11.95 -14.83
CA MET A 94 23.53 -12.78 -14.65
C MET A 94 23.47 -13.86 -15.70
N ILE A 95 23.80 -13.46 -16.94
CA ILE A 95 23.85 -14.33 -18.10
C ILE A 95 24.97 -15.38 -17.87
N GLU A 96 26.19 -14.91 -17.47
CA GLU A 96 27.37 -15.76 -17.22
C GLU A 96 27.12 -16.78 -16.09
N LEU A 97 26.47 -16.33 -15.00
CA LEU A 97 26.12 -17.17 -13.84
C LEU A 97 25.01 -18.17 -14.14
N GLY A 98 24.27 -17.91 -15.21
CA GLY A 98 23.14 -18.74 -15.61
C GLY A 98 21.95 -18.47 -14.73
N GLY A 99 21.75 -17.20 -14.43
CA GLY A 99 20.66 -16.76 -13.56
C GLY A 99 21.02 -16.66 -12.10
N ILE A 100 20.01 -16.27 -11.28
CA ILE A 100 20.12 -16.02 -9.84
C ILE A 100 19.09 -16.84 -9.03
N CYS A 101 19.46 -17.20 -7.79
CA CYS A 101 18.63 -17.92 -6.81
C CYS A 101 17.57 -16.95 -6.27
N PRO A 102 16.34 -17.41 -5.90
CA PRO A 102 15.39 -16.49 -5.26
C PRO A 102 15.96 -16.07 -3.90
N ASP A 103 15.68 -14.84 -3.43
CA ASP A 103 16.24 -14.36 -2.16
C ASP A 103 15.74 -15.17 -0.94
N GLY A 104 14.77 -16.06 -1.16
CA GLY A 104 14.27 -16.96 -0.12
C GLY A 104 15.32 -18.03 0.20
N ASP A 105 16.14 -18.40 -0.83
CA ASP A 105 17.23 -19.39 -0.79
C ASP A 105 18.61 -18.74 -0.56
N TYR A 106 18.72 -17.44 -0.86
CA TYR A 106 19.95 -16.66 -0.75
C TYR A 106 19.56 -15.25 -0.21
N PRO A 107 19.41 -15.09 1.12
CA PRO A 107 18.97 -13.80 1.63
C PRO A 107 20.06 -12.76 1.70
N TYR A 108 19.65 -11.48 1.72
CA TYR A 108 20.55 -10.34 1.79
C TYR A 108 21.04 -10.13 3.21
N VAL A 109 22.37 -10.06 3.35
CA VAL A 109 23.06 -9.85 4.64
C VAL A 109 23.87 -8.51 4.64
N SER A 110 23.69 -7.68 3.58
CA SER A 110 24.35 -6.39 3.32
C SER A 110 25.88 -6.48 3.43
N ASP A 111 26.51 -5.53 4.17
CA ASP A 111 27.95 -5.37 4.37
C ASP A 111 28.57 -6.56 5.12
N ALA A 112 27.74 -7.43 5.74
CA ALA A 112 28.22 -8.61 6.46
C ALA A 112 28.99 -9.50 5.50
N PRO A 113 30.21 -9.93 5.89
CA PRO A 113 31.00 -10.75 4.97
C PRO A 113 30.25 -12.02 4.59
N ASN A 114 30.27 -12.35 3.30
CA ASN A 114 29.57 -13.52 2.76
C ASN A 114 30.30 -14.06 1.52
N LEU A 115 30.32 -15.40 1.37
CA LEU A 115 30.95 -16.08 0.24
C LEU A 115 29.97 -16.47 -0.84
N CYS A 116 30.43 -16.43 -2.08
CA CYS A 116 29.63 -16.77 -3.24
C CYS A 116 29.48 -18.29 -3.38
N ASN A 117 28.23 -18.72 -3.51
CA ASN A 117 27.81 -20.11 -3.69
C ASN A 117 26.65 -20.13 -4.67
N ILE A 118 26.96 -20.47 -5.93
CA ILE A 118 25.97 -20.51 -7.00
C ILE A 118 25.01 -21.71 -6.84
N ASP A 119 25.26 -22.60 -5.88
CA ASP A 119 24.45 -23.80 -5.64
C ASP A 119 23.56 -23.69 -4.35
N ARG A 120 23.02 -22.51 -4.07
CA ARG A 120 22.17 -22.40 -2.89
C ARG A 120 20.73 -22.81 -3.19
N CYS A 121 20.42 -23.07 -4.48
CA CYS A 121 19.08 -23.40 -4.93
C CYS A 121 19.13 -24.46 -6.01
N THR A 122 17.97 -25.05 -6.29
CA THR A 122 17.82 -26.03 -7.35
C THR A 122 17.47 -25.30 -8.66
N GLU A 123 16.58 -24.28 -8.59
CA GLU A 123 16.13 -23.54 -9.76
C GLU A 123 16.48 -22.05 -9.67
N LYS A 124 17.26 -21.60 -10.67
CA LYS A 124 17.73 -20.23 -10.86
C LYS A 124 16.85 -19.53 -11.88
N TYR A 125 16.79 -18.19 -11.79
CA TYR A 125 15.99 -17.33 -12.66
C TYR A 125 16.91 -16.43 -13.48
N GLY A 126 17.01 -16.68 -14.77
CA GLY A 126 17.90 -15.96 -15.67
C GLY A 126 17.31 -14.92 -16.58
N ILE A 127 18.15 -14.42 -17.50
CA ILE A 127 17.79 -13.44 -18.52
C ILE A 127 18.39 -13.92 -19.84
N LYS A 128 17.76 -13.51 -20.95
CA LYS A 128 18.25 -13.82 -22.28
C LYS A 128 19.36 -12.82 -22.62
N ASN A 129 19.04 -11.51 -22.54
CA ASN A 129 19.92 -10.37 -22.78
C ASN A 129 19.31 -9.12 -22.15
N TYR A 130 19.95 -7.98 -22.36
CA TYR A 130 19.55 -6.67 -21.88
C TYR A 130 19.74 -5.63 -23.00
N LEU A 131 19.01 -4.53 -22.90
CA LEU A 131 18.97 -3.47 -23.87
C LEU A 131 19.33 -2.11 -23.28
N SER A 132 20.07 -1.26 -24.03
CA SER A 132 20.39 0.10 -23.57
C SER A 132 19.32 1.05 -24.09
N VAL A 133 18.68 1.81 -23.20
CA VAL A 133 17.62 2.73 -23.57
C VAL A 133 18.20 4.13 -23.86
N PRO A 134 17.92 4.70 -25.05
CA PRO A 134 18.41 6.06 -25.33
C PRO A 134 17.69 7.04 -24.43
N ASP A 135 18.43 8.04 -23.91
CA ASP A 135 18.00 9.08 -22.98
C ASP A 135 16.71 9.85 -23.43
N ASN A 136 16.39 9.81 -24.74
CA ASN A 136 15.25 10.49 -25.31
C ASN A 136 14.02 9.56 -25.49
N LYS A 137 14.14 8.29 -25.09
CA LYS A 137 13.07 7.31 -25.27
C LYS A 137 12.66 6.64 -23.97
N LEU A 138 12.87 7.32 -22.84
CA LEU A 138 12.54 6.76 -21.53
C LEU A 138 11.04 6.49 -21.35
N LYS A 139 10.17 7.46 -21.75
CA LYS A 139 8.71 7.34 -21.61
C LYS A 139 8.14 6.22 -22.51
N GLU A 140 8.66 6.09 -23.75
CA GLU A 140 8.25 5.05 -24.71
C GLU A 140 8.69 3.66 -24.20
N ALA A 141 9.95 3.56 -23.71
CA ALA A 141 10.53 2.33 -23.19
C ALA A 141 9.80 1.83 -21.94
N LEU A 142 9.38 2.76 -21.07
CA LEU A 142 8.63 2.43 -19.87
C LEU A 142 7.29 1.83 -20.21
N ARG A 143 6.51 2.55 -21.05
CA ARG A 143 5.18 2.22 -21.52
C ARG A 143 5.12 0.84 -22.21
N PHE A 144 6.02 0.58 -23.19
CA PHE A 144 5.96 -0.65 -23.99
C PHE A 144 6.92 -1.77 -23.60
N LEU A 145 8.03 -1.46 -22.90
CA LEU A 145 8.97 -2.51 -22.51
C LEU A 145 8.93 -2.81 -21.01
N GLY A 146 8.71 -1.79 -20.17
CA GLY A 146 8.62 -2.00 -18.73
C GLY A 146 9.61 -1.21 -17.89
N PRO A 147 9.75 -1.53 -16.57
CA PRO A 147 10.68 -0.74 -15.73
C PRO A 147 12.14 -0.88 -16.14
N ILE A 148 12.86 0.26 -16.05
CA ILE A 148 14.26 0.41 -16.46
C ILE A 148 15.20 0.65 -15.26
N SER A 149 16.40 -0.02 -15.28
CA SER A 149 17.48 0.16 -14.32
C SER A 149 18.24 1.41 -14.75
N ILE A 150 18.17 2.49 -13.96
CA ILE A 150 18.78 3.77 -14.32
C ILE A 150 19.78 4.29 -13.25
N SER A 151 20.78 5.08 -13.68
CA SER A 151 21.73 5.70 -12.77
C SER A 151 21.19 7.07 -12.41
N VAL A 152 21.59 7.61 -11.28
CA VAL A 152 21.14 8.94 -10.90
C VAL A 152 22.20 9.60 -10.03
N ALA A 153 22.20 10.94 -10.00
CA ALA A 153 23.12 11.73 -9.19
C ALA A 153 22.42 12.20 -7.93
N VAL A 154 22.67 11.53 -6.78
CA VAL A 154 21.94 11.89 -5.57
C VAL A 154 22.72 12.89 -4.69
N SER A 155 21.98 13.86 -4.16
CA SER A 155 22.46 14.88 -3.22
C SER A 155 21.94 14.53 -1.84
N ASP A 156 22.42 15.21 -0.77
CA ASP A 156 21.97 14.92 0.59
C ASP A 156 20.50 15.33 0.78
N ASP A 157 19.98 16.22 -0.08
CA ASP A 157 18.58 16.65 -0.07
C ASP A 157 17.69 15.53 -0.51
N PHE A 158 18.21 14.69 -1.41
CA PHE A 158 17.52 13.52 -1.90
C PHE A 158 17.23 12.54 -0.74
N ALA A 159 18.19 12.37 0.20
CA ALA A 159 18.01 11.49 1.35
C ALA A 159 16.93 12.01 2.30
N PHE A 160 16.63 13.32 2.24
CA PHE A 160 15.64 14.00 3.10
C PHE A 160 14.28 14.15 2.40
N TYR A 161 14.11 13.51 1.23
CA TYR A 161 12.86 13.52 0.50
C TYR A 161 11.78 12.75 1.29
N LYS A 162 10.56 13.32 1.34
CA LYS A 162 9.47 12.71 2.09
C LYS A 162 8.26 12.42 1.21
N GLU A 163 7.83 13.39 0.38
CA GLU A 163 6.68 13.24 -0.53
C GLU A 163 6.68 14.33 -1.60
N GLY A 164 5.86 14.13 -2.63
CA GLY A 164 5.69 15.04 -3.74
C GLY A 164 6.70 14.85 -4.85
N ILE A 165 7.13 15.96 -5.46
CA ILE A 165 8.10 15.95 -6.56
C ILE A 165 9.34 16.71 -6.15
N PHE A 166 10.52 16.09 -6.36
CA PHE A 166 11.80 16.66 -6.01
C PHE A 166 12.50 17.31 -7.18
N ASP A 167 13.12 18.49 -6.96
CA ASP A 167 13.84 19.24 -7.97
C ASP A 167 14.85 20.23 -7.43
N GLY A 168 15.97 20.33 -8.15
CA GLY A 168 17.04 21.29 -7.94
C GLY A 168 18.08 20.92 -6.91
N GLU A 169 18.14 19.64 -6.50
CA GLU A 169 19.12 19.23 -5.51
C GLU A 169 19.78 17.94 -6.03
N CYS A 170 20.72 18.13 -6.95
CA CYS A 170 21.45 17.07 -7.66
C CYS A 170 22.87 16.89 -7.19
N GLY A 171 23.31 15.62 -7.26
CA GLY A 171 24.66 15.20 -6.92
C GLY A 171 25.64 15.65 -7.98
N ASP A 172 26.93 15.67 -7.63
CA ASP A 172 28.03 16.08 -8.49
C ASP A 172 28.29 15.08 -9.65
N GLN A 173 28.06 13.77 -9.41
CA GLN A 173 28.25 12.68 -10.37
C GLN A 173 27.16 11.62 -10.20
N LEU A 174 27.11 10.69 -11.16
CA LEU A 174 26.17 9.55 -11.13
C LEU A 174 26.66 8.53 -10.13
N ASN A 175 26.05 8.55 -8.98
CA ASN A 175 26.43 7.70 -7.87
C ASN A 175 25.37 6.62 -7.51
N HIS A 176 24.11 6.71 -7.97
CA HIS A 176 23.16 5.69 -7.50
C HIS A 176 22.37 4.99 -8.59
N ALA A 177 22.03 3.71 -8.35
CA ALA A 177 21.24 2.88 -9.26
C ALA A 177 19.83 2.62 -8.69
N VAL A 178 18.80 3.07 -9.45
CA VAL A 178 17.36 3.00 -9.14
C VAL A 178 16.57 2.40 -10.32
N MET A 179 15.26 2.25 -10.14
CA MET A 179 14.38 1.73 -11.17
C MET A 179 13.35 2.73 -11.51
N LEU A 180 13.24 3.01 -12.79
CA LEU A 180 12.23 3.88 -13.33
C LEU A 180 10.99 2.99 -13.53
N VAL A 181 9.88 3.27 -12.81
CA VAL A 181 8.70 2.40 -12.85
C VAL A 181 7.51 3.05 -13.57
N GLY A 182 7.63 4.33 -13.88
CA GLY A 182 6.57 5.03 -14.59
C GLY A 182 6.71 6.53 -14.64
N PHE A 183 5.61 7.21 -14.99
CA PHE A 183 5.48 8.66 -15.12
C PHE A 183 4.06 9.08 -14.72
N GLY A 184 3.88 10.36 -14.43
CA GLY A 184 2.58 10.89 -14.03
C GLY A 184 2.46 12.38 -14.21
N MET A 185 1.28 12.92 -13.89
CA MET A 185 1.00 14.35 -13.98
C MET A 185 0.01 14.78 -12.92
N LYS A 186 0.24 15.95 -12.36
CA LYS A 186 -0.62 16.54 -11.36
C LYS A 186 -0.86 18.00 -11.74
N GLU A 187 -2.14 18.37 -11.89
CA GLU A 187 -2.51 19.76 -12.19
C GLU A 187 -2.64 20.50 -10.86
N ILE A 188 -1.84 21.57 -10.68
CA ILE A 188 -1.82 22.37 -9.44
C ILE A 188 -1.99 23.86 -9.81
N VAL A 189 -3.01 24.50 -9.19
CA VAL A 189 -3.31 25.94 -9.34
C VAL A 189 -2.26 26.70 -8.53
N ASN A 190 -1.53 27.63 -9.19
CA ASN A 190 -0.49 28.43 -8.54
C ASN A 190 -1.15 29.33 -7.48
N PRO A 191 -0.63 29.38 -6.22
CA PRO A 191 -1.22 30.28 -5.20
C PRO A 191 -1.04 31.77 -5.53
N LEU A 192 -0.07 32.14 -6.42
CA LEU A 192 0.20 33.52 -6.79
C LEU A 192 -0.60 33.95 -8.01
N THR A 193 -0.38 33.27 -9.16
CA THR A 193 -1.05 33.58 -10.44
C THR A 193 -2.52 33.20 -10.38
N LYS A 194 -2.89 32.23 -9.49
CA LYS A 194 -4.24 31.68 -9.27
C LYS A 194 -4.70 30.91 -10.53
N LYS A 195 -3.73 30.36 -11.28
CA LYS A 195 -3.91 29.63 -12.54
C LYS A 195 -3.36 28.22 -12.47
N GLY A 196 -4.10 27.28 -13.08
CA GLY A 196 -3.76 25.86 -13.14
C GLY A 196 -2.57 25.54 -14.02
N GLU A 197 -1.66 24.69 -13.51
CA GLU A 197 -0.43 24.26 -14.20
C GLU A 197 -0.26 22.74 -14.19
N LYS A 198 0.17 22.17 -15.32
CA LYS A 198 0.41 20.73 -15.44
C LYS A 198 1.83 20.42 -14.98
N HIS A 199 1.97 19.58 -13.95
CA HIS A 199 3.27 19.20 -13.39
C HIS A 199 3.51 17.70 -13.63
N TYR A 200 4.43 17.40 -14.56
CA TYR A 200 4.80 16.04 -14.95
C TYR A 200 5.94 15.54 -14.12
N TYR A 201 5.98 14.22 -13.88
CA TYR A 201 7.03 13.60 -13.07
C TYR A 201 7.25 12.16 -13.45
N TYR A 202 8.45 11.65 -13.13
CA TYR A 202 8.85 10.27 -13.31
C TYR A 202 8.68 9.59 -11.99
N ILE A 203 8.25 8.34 -12.00
CA ILE A 203 8.07 7.60 -10.76
C ILE A 203 9.26 6.64 -10.62
N ILE A 204 10.01 6.77 -9.51
CA ILE A 204 11.21 5.98 -9.31
C ILE A 204 11.12 5.10 -8.06
N LYS A 205 11.58 3.84 -8.20
CA LYS A 205 11.67 2.85 -7.13
C LYS A 205 13.07 2.87 -6.55
N ASN A 206 13.21 3.26 -5.27
CA ASN A 206 14.50 3.33 -4.61
C ASN A 206 14.63 2.23 -3.55
N SER A 207 15.83 1.62 -3.44
CA SER A 207 16.13 0.51 -2.53
C SER A 207 16.67 0.99 -1.17
N TRP A 208 15.91 1.88 -0.51
CA TRP A 208 16.24 2.47 0.78
C TRP A 208 15.14 2.19 1.79
N GLY A 209 14.41 1.11 1.54
CA GLY A 209 13.33 0.67 2.40
C GLY A 209 12.05 1.38 2.11
N GLN A 210 10.96 0.88 2.70
CA GLN A 210 9.64 1.44 2.55
C GLN A 210 9.45 2.68 3.44
N GLN A 211 10.31 2.87 4.46
CA GLN A 211 10.15 4.04 5.32
C GLN A 211 10.63 5.34 4.64
N TRP A 212 11.38 5.20 3.53
CA TRP A 212 11.93 6.31 2.78
C TRP A 212 10.93 6.83 1.76
N GLY A 213 10.85 8.15 1.68
CA GLY A 213 10.01 8.86 0.73
C GLY A 213 8.57 8.42 0.76
N GLU A 214 7.99 8.22 -0.42
CA GLU A 214 6.61 7.77 -0.58
C GLU A 214 6.62 6.25 -0.72
N ARG A 215 6.46 5.49 0.39
CA ARG A 215 6.47 4.02 0.39
C ARG A 215 7.74 3.37 -0.29
N GLY A 216 8.86 4.10 -0.27
CA GLY A 216 10.12 3.65 -0.85
C GLY A 216 10.35 4.20 -2.25
N PHE A 217 9.42 5.06 -2.73
CA PHE A 217 9.43 5.67 -4.06
C PHE A 217 9.59 7.19 -4.02
N ILE A 218 10.04 7.75 -5.16
CA ILE A 218 10.27 9.18 -5.33
C ILE A 218 9.81 9.64 -6.72
N ASN A 219 9.06 10.76 -6.74
CA ASN A 219 8.61 11.39 -7.97
C ASN A 219 9.57 12.51 -8.30
N ILE A 220 10.10 12.50 -9.55
CA ILE A 220 11.08 13.49 -10.05
C ILE A 220 10.50 14.29 -11.20
N GLU A 221 10.65 15.63 -11.16
CA GLU A 221 10.16 16.53 -12.18
C GLU A 221 10.71 16.21 -13.57
N THR A 222 9.78 16.08 -14.53
CA THR A 222 10.05 15.90 -15.95
C THR A 222 9.06 16.84 -16.70
N ASP A 223 9.05 16.75 -18.03
CA ASP A 223 8.16 17.47 -18.92
C ASP A 223 7.22 16.45 -19.58
N GLU A 224 6.28 16.90 -20.46
CA GLU A 224 5.32 16.05 -21.15
C GLU A 224 6.04 14.99 -22.01
N SER A 225 7.09 15.41 -22.74
CA SER A 225 7.91 14.59 -23.63
C SER A 225 8.69 13.51 -22.87
N GLY A 226 9.16 13.85 -21.68
CA GLY A 226 9.97 12.97 -20.85
C GLY A 226 11.44 13.12 -21.17
N LEU A 227 11.79 14.17 -21.91
CA LEU A 227 13.16 14.45 -22.28
C LEU A 227 13.91 15.08 -21.09
N MET A 228 13.17 15.75 -20.18
CA MET A 228 13.72 16.37 -18.97
C MET A 228 14.12 15.26 -17.98
N ARG A 229 15.43 15.10 -17.81
CA ARG A 229 16.04 14.11 -16.92
C ARG A 229 16.82 14.81 -15.80
N LYS A 230 16.13 15.09 -14.68
CA LYS A 230 16.76 15.78 -13.55
C LYS A 230 17.77 14.84 -12.84
N CYS A 231 18.91 15.40 -12.43
CA CYS A 231 20.02 14.71 -11.73
C CYS A 231 20.62 13.58 -12.58
N GLY A 232 20.67 13.80 -13.89
CA GLY A 232 21.18 12.85 -14.87
C GLY A 232 20.51 11.49 -14.82
N LEU A 233 19.22 11.47 -14.41
CA LEU A 233 18.47 10.24 -14.34
C LEU A 233 18.43 9.62 -15.71
N GLY A 234 18.67 8.33 -15.77
CA GLY A 234 18.65 7.59 -17.02
C GLY A 234 19.83 7.78 -17.95
N THR A 235 20.95 8.39 -17.49
CA THR A 235 22.18 8.55 -18.30
C THR A 235 22.59 7.13 -18.71
N ASP A 236 22.49 6.22 -17.74
CA ASP A 236 22.68 4.79 -17.91
C ASP A 236 21.29 4.19 -17.71
N ALA A 237 20.73 3.63 -18.78
CA ALA A 237 19.39 3.07 -18.78
C ALA A 237 19.41 1.71 -19.46
N PHE A 238 19.18 0.64 -18.68
CA PHE A 238 19.19 -0.74 -19.17
C PHE A 238 17.94 -1.48 -18.74
N ILE A 239 17.36 -2.26 -19.67
CA ILE A 239 16.16 -3.05 -19.41
C ILE A 239 16.45 -4.54 -19.80
N PRO A 240 16.30 -5.50 -18.85
CA PRO A 240 16.59 -6.90 -19.18
C PRO A 240 15.48 -7.54 -20.00
N LEU A 241 15.77 -8.60 -20.73
CA LEU A 241 14.75 -9.28 -21.52
C LEU A 241 14.85 -10.78 -21.29
N ILE A 242 13.79 -11.35 -20.75
CA ILE A 242 13.74 -12.73 -20.34
C ILE A 242 13.11 -13.62 -21.41
N GLN B 3 -12.37 14.73 2.72
CA GLN B 3 -12.80 15.30 3.98
C GLN B 3 -14.09 16.13 3.80
N MET B 4 -14.97 16.09 4.82
CA MET B 4 -16.27 16.77 4.87
C MET B 4 -16.54 17.37 6.27
N ASN B 5 -17.62 18.17 6.42
CA ASN B 5 -18.01 18.77 7.70
C ASN B 5 -19.06 17.88 8.37
N TYR B 6 -18.75 17.38 9.58
CA TYR B 6 -19.64 16.48 10.32
C TYR B 6 -20.99 17.13 10.63
N GLU B 7 -20.98 18.37 11.14
CA GLU B 7 -22.20 19.08 11.53
C GLU B 7 -23.12 19.32 10.33
N GLU B 8 -22.55 19.52 9.12
CA GLU B 8 -23.32 19.73 7.89
C GLU B 8 -23.90 18.41 7.36
N VAL B 9 -23.15 17.30 7.53
CA VAL B 9 -23.59 15.99 7.07
C VAL B 9 -24.64 15.42 8.02
N ILE B 10 -24.44 15.55 9.36
CA ILE B 10 -25.38 15.02 10.39
C ILE B 10 -26.74 15.76 10.32
N LYS B 11 -26.76 17.06 9.94
CA LYS B 11 -27.99 17.84 9.74
C LYS B 11 -28.88 17.18 8.67
N LYS B 12 -28.23 16.63 7.61
CA LYS B 12 -28.79 15.95 6.44
C LYS B 12 -29.39 14.57 6.77
N TYR B 13 -28.70 13.78 7.61
CA TYR B 13 -29.08 12.41 7.94
C TYR B 13 -29.91 12.27 9.22
N ARG B 14 -29.70 13.13 10.22
CA ARG B 14 -30.45 13.09 11.48
C ARG B 14 -31.65 14.05 11.43
N GLY B 15 -31.39 15.32 11.15
CA GLY B 15 -32.40 16.37 11.14
C GLY B 15 -32.64 16.82 12.57
N GLU B 16 -33.88 16.68 13.04
CA GLU B 16 -34.30 17.06 14.41
C GLU B 16 -34.65 15.81 15.24
N GLU B 17 -34.69 14.66 14.58
CA GLU B 17 -35.01 13.34 15.11
C GLU B 17 -34.11 13.00 16.32
N ASN B 18 -34.71 12.64 17.47
CA ASN B 18 -33.98 12.20 18.67
C ASN B 18 -33.84 10.65 18.62
N PHE B 19 -32.99 10.06 19.50
CA PHE B 19 -32.77 8.61 19.46
C PHE B 19 -32.45 8.01 20.84
N ASP B 20 -32.60 6.67 20.96
CA ASP B 20 -32.31 5.88 22.17
C ASP B 20 -30.81 5.60 22.23
N HIS B 21 -30.15 6.06 23.31
CA HIS B 21 -28.72 5.94 23.57
C HIS B 21 -28.38 4.60 24.20
N ALA B 22 -29.42 3.80 24.44
CA ALA B 22 -29.41 2.51 25.13
C ALA B 22 -28.91 1.35 24.29
N ALA B 23 -29.67 0.94 23.24
CA ALA B 23 -29.32 -0.19 22.39
C ALA B 23 -29.66 0.04 20.92
N TYR B 24 -28.66 -0.21 20.06
CA TYR B 24 -28.69 -0.07 18.63
C TYR B 24 -27.61 -0.89 17.97
N ASP B 25 -27.98 -1.84 17.12
CA ASP B 25 -27.00 -2.71 16.49
C ASP B 25 -27.29 -2.84 14.99
N TRP B 26 -26.32 -2.44 14.15
CA TRP B 26 -26.42 -2.51 12.70
C TRP B 26 -26.43 -3.92 12.14
N ARG B 27 -25.96 -4.89 12.93
CA ARG B 27 -25.96 -6.31 12.53
C ARG B 27 -27.41 -6.75 12.30
N LEU B 28 -28.34 -6.21 13.09
CA LEU B 28 -29.75 -6.54 13.00
C LEU B 28 -30.48 -5.73 11.94
N HIS B 29 -29.84 -4.71 11.37
CA HIS B 29 -30.53 -3.88 10.40
C HIS B 29 -29.80 -3.84 9.07
N SER B 30 -29.31 -5.02 8.60
CA SER B 30 -28.60 -5.22 7.33
C SER B 30 -27.52 -4.15 7.11
N GLY B 31 -26.72 -3.92 8.15
CA GLY B 31 -25.65 -2.94 8.11
C GLY B 31 -24.26 -3.49 8.37
N VAL B 32 -24.14 -4.80 8.67
CA VAL B 32 -22.83 -5.40 8.96
C VAL B 32 -22.57 -6.67 8.11
N THR B 33 -21.51 -6.59 7.26
CA THR B 33 -21.02 -7.67 6.36
C THR B 33 -20.25 -8.76 7.16
N PRO B 34 -19.99 -9.99 6.63
CA PRO B 34 -19.34 -11.03 7.45
C PRO B 34 -17.96 -10.67 7.96
N VAL B 35 -17.60 -11.24 9.11
CA VAL B 35 -16.31 -11.06 9.75
C VAL B 35 -15.24 -11.74 8.90
N LYS B 36 -14.10 -11.04 8.67
CA LYS B 36 -12.98 -11.58 7.88
C LYS B 36 -11.74 -11.77 8.75
N ASP B 37 -10.64 -12.30 8.19
CA ASP B 37 -9.42 -12.54 8.97
C ASP B 37 -8.19 -11.97 8.27
N GLN B 38 -7.33 -11.32 9.04
CA GLN B 38 -6.03 -10.76 8.64
C GLN B 38 -5.01 -11.68 9.34
N LYS B 39 -4.66 -12.80 8.69
CA LYS B 39 -3.76 -13.54 9.49
C LYS B 39 -2.32 -13.23 9.15
N ASN B 40 -1.42 -13.14 10.21
CA ASN B 40 0.03 -12.89 10.14
C ASN B 40 0.34 -11.67 9.23
N CYS B 41 -0.54 -10.63 9.22
CA CYS B 41 -0.38 -9.46 8.38
C CYS B 41 -1.07 -8.24 9.03
N GLY B 42 -0.31 -7.15 9.20
CA GLY B 42 -0.74 -5.89 9.83
C GLY B 42 -1.57 -4.98 8.96
N SER B 43 -2.56 -5.57 8.31
CA SER B 43 -3.47 -4.96 7.36
C SER B 43 -4.86 -4.59 7.92
N ALA B 44 -5.04 -4.47 9.26
CA ALA B 44 -6.33 -4.12 9.89
C ALA B 44 -6.93 -2.83 9.32
N TRP B 45 -6.06 -1.88 8.95
CA TRP B 45 -6.37 -0.58 8.36
C TRP B 45 -7.19 -0.74 7.08
N ALA B 46 -6.89 -1.80 6.29
CA ALA B 46 -7.59 -2.13 5.05
C ALA B 46 -8.89 -2.85 5.37
N PHE B 47 -8.91 -3.76 6.34
CA PHE B 47 -10.13 -4.47 6.72
C PHE B 47 -11.19 -3.54 7.30
N SER B 48 -10.76 -2.63 8.18
CA SER B 48 -11.61 -1.68 8.88
C SER B 48 -12.22 -0.68 7.94
N SER B 49 -11.43 -0.10 7.01
CA SER B 49 -11.94 0.87 6.05
C SER B 49 -12.83 0.20 4.98
N ILE B 50 -12.40 -0.96 4.40
CA ILE B 50 -13.18 -1.71 3.39
C ILE B 50 -14.54 -2.07 3.99
N GLY B 51 -14.55 -2.73 5.15
CA GLY B 51 -15.76 -3.11 5.85
C GLY B 51 -16.78 -1.98 6.02
N SER B 52 -16.30 -0.72 6.21
CA SER B 52 -17.15 0.47 6.38
C SER B 52 -17.80 0.85 5.07
N VAL B 53 -17.12 0.57 3.97
CA VAL B 53 -17.62 0.83 2.64
C VAL B 53 -18.69 -0.23 2.38
N GLU B 54 -18.37 -1.54 2.61
CA GLU B 54 -19.27 -2.69 2.44
C GLU B 54 -20.61 -2.44 3.16
N SER B 55 -20.52 -1.83 4.36
CA SER B 55 -21.63 -1.47 5.22
C SER B 55 -22.50 -0.42 4.56
N GLN B 56 -21.87 0.63 4.00
CA GLN B 56 -22.61 1.71 3.34
C GLN B 56 -23.37 1.20 2.11
N TYR B 57 -22.84 0.20 1.38
CA TYR B 57 -23.53 -0.39 0.23
C TYR B 57 -24.75 -1.17 0.68
N ALA B 58 -24.60 -1.89 1.78
CA ALA B 58 -25.67 -2.66 2.38
C ALA B 58 -26.76 -1.77 2.95
N ILE B 59 -26.37 -0.62 3.58
CA ILE B 59 -27.30 0.33 4.21
C ILE B 59 -27.97 1.21 3.15
N ARG B 60 -27.17 1.92 2.37
CA ARG B 60 -27.70 2.87 1.40
C ARG B 60 -28.19 2.25 0.11
N LYS B 61 -27.66 1.10 -0.30
CA LYS B 61 -28.06 0.54 -1.59
C LYS B 61 -28.65 -0.89 -1.51
N ASN B 62 -28.73 -1.49 -0.29
CA ASN B 62 -29.16 -2.88 -0.04
C ASN B 62 -28.42 -3.85 -1.03
N LYS B 63 -27.12 -3.55 -1.20
CA LYS B 63 -26.22 -4.30 -2.05
C LYS B 63 -25.14 -4.91 -1.17
N LEU B 64 -25.18 -6.22 -1.03
CA LEU B 64 -24.18 -6.92 -0.28
C LEU B 64 -23.01 -7.15 -1.19
N ILE B 65 -21.96 -6.41 -0.93
CA ILE B 65 -20.77 -6.57 -1.72
C ILE B 65 -19.60 -6.68 -0.75
N THR B 66 -18.77 -7.69 -1.00
CA THR B 66 -17.57 -7.93 -0.21
C THR B 66 -16.40 -7.50 -1.10
N LEU B 67 -15.67 -6.48 -0.65
CA LEU B 67 -14.59 -5.88 -1.42
C LEU B 67 -13.20 -6.37 -1.02
N SER B 68 -12.22 -6.18 -1.92
CA SER B 68 -10.85 -6.66 -1.79
C SER B 68 -9.97 -5.82 -0.89
N GLU B 69 -9.58 -6.39 0.26
CA GLU B 69 -8.62 -5.78 1.19
C GLU B 69 -7.25 -5.87 0.56
N GLN B 70 -7.02 -6.99 -0.19
CA GLN B 70 -5.78 -7.29 -0.89
C GLN B 70 -5.46 -6.20 -1.93
N GLU B 71 -6.47 -5.67 -2.63
CA GLU B 71 -6.21 -4.58 -3.56
C GLU B 71 -5.73 -3.36 -2.76
N LEU B 72 -6.36 -3.07 -1.63
CA LEU B 72 -5.93 -1.96 -0.79
C LEU B 72 -4.49 -2.19 -0.28
N VAL B 73 -4.20 -3.39 0.22
CA VAL B 73 -2.87 -3.79 0.73
C VAL B 73 -1.80 -3.58 -0.38
N ASP B 74 -2.09 -4.05 -1.61
CA ASP B 74 -1.17 -3.98 -2.74
C ASP B 74 -1.05 -2.63 -3.39
N CYS B 75 -2.19 -1.95 -3.58
CA CYS B 75 -2.30 -0.73 -4.39
C CYS B 75 -2.34 0.59 -3.59
N SER B 76 -2.81 0.59 -2.30
CA SER B 76 -2.75 1.79 -1.48
C SER B 76 -1.31 2.21 -1.37
N PHE B 77 -0.96 3.37 -1.92
CA PHE B 77 0.45 3.78 -1.92
C PHE B 77 0.87 4.65 -0.68
N LYS B 78 -0.13 5.26 -0.03
CA LYS B 78 -0.02 6.07 1.17
C LYS B 78 0.22 5.16 2.39
N ASN B 79 -0.06 3.85 2.24
CA ASN B 79 0.03 2.82 3.30
C ASN B 79 0.99 1.64 2.96
N TYR B 80 1.52 0.97 4.03
CA TYR B 80 2.44 -0.20 3.99
C TYR B 80 1.71 -1.50 4.35
N GLY B 81 1.07 -2.12 3.38
CA GLY B 81 0.35 -3.39 3.57
C GLY B 81 1.20 -4.43 4.26
N CYS B 82 0.69 -4.99 5.37
CA CYS B 82 1.33 -6.02 6.25
C CYS B 82 2.39 -5.41 7.18
N ASN B 83 2.61 -4.10 7.05
CA ASN B 83 3.54 -3.31 7.84
C ASN B 83 2.81 -2.13 8.53
N GLY B 84 1.50 -1.99 8.22
CA GLY B 84 0.58 -1.00 8.79
C GLY B 84 -0.08 -0.03 7.83
N GLY B 85 -0.75 0.97 8.38
CA GLY B 85 -1.39 2.05 7.63
C GLY B 85 -2.43 2.84 8.40
N LEU B 86 -2.98 3.87 7.75
CA LEU B 86 -4.03 4.68 8.35
C LEU B 86 -5.38 4.47 7.63
N ILE B 87 -6.49 4.74 8.36
CA ILE B 87 -7.88 4.62 7.88
C ILE B 87 -8.16 5.74 6.84
N ASN B 88 -7.86 7.04 7.17
CA ASN B 88 -8.07 8.20 6.28
C ASN B 88 -7.26 8.09 5.00
N ASN B 89 -6.01 7.59 5.09
CA ASN B 89 -5.12 7.32 3.96
C ASN B 89 -5.69 6.25 3.07
N ALA B 90 -6.32 5.22 3.67
CA ALA B 90 -6.97 4.13 2.93
C ALA B 90 -8.15 4.68 2.13
N PHE B 91 -8.96 5.60 2.70
CA PHE B 91 -10.10 6.21 2.01
C PHE B 91 -9.64 7.14 0.89
N GLU B 92 -8.53 7.88 1.09
CA GLU B 92 -7.96 8.79 0.08
C GLU B 92 -7.52 8.01 -1.15
N ASP B 93 -6.92 6.84 -0.93
CA ASP B 93 -6.43 5.96 -1.98
C ASP B 93 -7.58 5.23 -2.70
N MET B 94 -8.73 4.99 -2.04
CA MET B 94 -9.91 4.39 -2.67
C MET B 94 -10.49 5.32 -3.73
N ILE B 95 -10.52 6.61 -3.40
CA ILE B 95 -10.98 7.68 -4.27
C ILE B 95 -10.00 7.79 -5.47
N GLU B 96 -8.68 7.83 -5.19
CA GLU B 96 -7.60 7.91 -6.19
C GLU B 96 -7.60 6.73 -7.15
N LEU B 97 -7.79 5.50 -6.62
CA LEU B 97 -7.85 4.25 -7.39
C LEU B 97 -9.13 4.12 -8.21
N GLY B 98 -10.14 4.91 -7.85
CA GLY B 98 -11.44 4.88 -8.50
C GLY B 98 -12.23 3.67 -8.04
N GLY B 99 -12.15 3.38 -6.77
CA GLY B 99 -12.82 2.23 -6.19
C GLY B 99 -11.99 0.97 -6.14
N ILE B 100 -12.59 -0.11 -5.61
CA ILE B 100 -11.98 -1.42 -5.38
C ILE B 100 -12.78 -2.56 -6.05
N CYS B 101 -12.05 -3.62 -6.47
CA CYS B 101 -12.60 -4.84 -7.06
C CYS B 101 -13.28 -5.67 -5.95
N PRO B 102 -14.36 -6.44 -6.23
CA PRO B 102 -14.91 -7.32 -5.17
C PRO B 102 -13.88 -8.39 -4.86
N ASP B 103 -13.83 -8.87 -3.60
CA ASP B 103 -12.81 -9.86 -3.20
C ASP B 103 -13.00 -11.21 -3.93
N GLY B 104 -14.08 -11.36 -4.68
CA GLY B 104 -14.32 -12.53 -5.51
C GLY B 104 -13.38 -12.55 -6.71
N ASP B 105 -13.01 -11.33 -7.20
CA ASP B 105 -12.10 -11.04 -8.33
C ASP B 105 -10.66 -10.78 -7.88
N TYR B 106 -10.48 -10.41 -6.61
CA TYR B 106 -9.20 -10.07 -6.01
C TYR B 106 -9.18 -10.65 -4.56
N PRO B 107 -8.87 -11.95 -4.39
CA PRO B 107 -8.94 -12.53 -3.03
C PRO B 107 -7.77 -12.17 -2.15
N TYR B 108 -7.98 -12.28 -0.83
CA TYR B 108 -6.97 -11.98 0.19
C TYR B 108 -6.02 -13.17 0.33
N VAL B 109 -4.72 -12.88 0.20
CA VAL B 109 -3.64 -13.87 0.31
C VAL B 109 -2.70 -13.55 1.53
N SER B 110 -3.09 -12.57 2.37
CA SER B 110 -2.39 -12.04 3.55
C SER B 110 -0.94 -11.66 3.24
N ASP B 111 0.01 -12.12 4.10
CA ASP B 111 1.45 -11.85 4.05
C ASP B 111 2.12 -12.40 2.77
N ALA B 112 1.42 -13.31 2.03
CA ALA B 112 1.96 -13.88 0.82
C ALA B 112 2.24 -12.76 -0.17
N PRO B 113 3.44 -12.77 -0.78
CA PRO B 113 3.78 -11.70 -1.72
C PRO B 113 2.77 -11.63 -2.86
N ASN B 114 2.32 -10.41 -3.19
CA ASN B 114 1.33 -10.18 -4.24
C ASN B 114 1.54 -8.80 -4.88
N LEU B 115 1.34 -8.71 -6.22
CA LEU B 115 1.49 -7.46 -6.97
C LEU B 115 0.17 -6.78 -7.24
N CYS B 116 0.21 -5.45 -7.26
CA CYS B 116 -0.95 -4.63 -7.50
C CYS B 116 -1.34 -4.60 -8.96
N ASN B 117 -2.63 -4.88 -9.23
CA ASN B 117 -3.25 -4.90 -10.54
C ASN B 117 -4.66 -4.34 -10.40
N ILE B 118 -4.82 -3.08 -10.76
CA ILE B 118 -6.11 -2.38 -10.64
C ILE B 118 -7.14 -2.89 -11.68
N ASP B 119 -6.70 -3.75 -12.61
CA ASP B 119 -7.55 -4.28 -13.68
C ASP B 119 -7.95 -5.77 -13.48
N ARG B 120 -8.21 -6.17 -12.23
CA ARG B 120 -8.59 -7.56 -12.01
C ARG B 120 -10.07 -7.75 -12.21
N CYS B 121 -10.82 -6.66 -12.41
CA CYS B 121 -12.28 -6.69 -12.55
C CYS B 121 -12.75 -5.69 -13.59
N THR B 122 -14.00 -5.86 -14.01
CA THR B 122 -14.66 -4.97 -14.97
C THR B 122 -15.30 -3.82 -14.20
N GLU B 123 -15.96 -4.13 -13.05
CA GLU B 123 -16.66 -3.13 -12.26
C GLU B 123 -16.12 -3.04 -10.83
N LYS B 124 -15.67 -1.84 -10.49
CA LYS B 124 -15.11 -1.44 -9.21
C LYS B 124 -16.18 -0.74 -8.38
N TYR B 125 -16.02 -0.78 -7.05
CA TYR B 125 -16.95 -0.18 -6.08
C TYR B 125 -16.24 0.91 -5.31
N GLY B 126 -16.62 2.15 -5.56
CA GLY B 126 -15.95 3.30 -4.95
C GLY B 126 -16.69 4.03 -3.85
N ILE B 127 -16.14 5.19 -3.50
CA ILE B 127 -16.68 6.11 -2.52
C ILE B 127 -16.61 7.52 -3.09
N LYS B 128 -17.50 8.39 -2.63
CA LYS B 128 -17.52 9.78 -3.03
C LYS B 128 -16.47 10.53 -2.19
N ASN B 129 -16.59 10.43 -0.84
CA ASN B 129 -15.70 11.01 0.15
C ASN B 129 -15.90 10.28 1.47
N TYR B 130 -15.20 10.75 2.51
CA TYR B 130 -15.23 10.23 3.87
C TYR B 130 -15.30 11.41 4.86
N LEU B 131 -15.81 11.14 6.05
CA LEU B 131 -16.03 12.13 7.09
C LEU B 131 -15.31 11.76 8.40
N SER B 132 -14.75 12.77 9.12
CA SER B 132 -14.12 12.51 10.43
C SER B 132 -15.16 12.71 11.52
N VAL B 133 -15.36 11.69 12.36
CA VAL B 133 -16.37 11.75 13.43
C VAL B 133 -15.72 12.28 14.71
N PRO B 134 -16.31 13.34 15.33
CA PRO B 134 -15.77 13.84 16.60
C PRO B 134 -16.01 12.80 17.68
N ASP B 135 -15.01 12.63 18.57
CA ASP B 135 -14.97 11.66 19.68
C ASP B 135 -16.20 11.69 20.61
N ASN B 136 -16.94 12.81 20.61
CA ASN B 136 -18.12 13.01 21.46
C ASN B 136 -19.44 12.72 20.71
N LYS B 137 -19.37 12.32 19.43
CA LYS B 137 -20.56 12.08 18.61
C LYS B 137 -20.60 10.67 18.03
N LEU B 138 -19.93 9.70 18.67
CA LEU B 138 -19.85 8.34 18.18
C LEU B 138 -21.22 7.66 18.12
N LYS B 139 -22.03 7.78 19.21
CA LYS B 139 -23.36 7.15 19.30
C LYS B 139 -24.34 7.74 18.27
N GLU B 140 -24.31 9.08 18.06
CA GLU B 140 -25.15 9.79 17.10
C GLU B 140 -24.76 9.39 15.67
N ALA B 141 -23.44 9.34 15.38
CA ALA B 141 -22.88 8.97 14.07
C ALA B 141 -23.21 7.53 13.71
N LEU B 142 -23.19 6.61 14.69
CA LEU B 142 -23.51 5.21 14.48
C LEU B 142 -24.96 5.06 14.08
N ARG B 143 -25.87 5.63 14.90
CA ARG B 143 -27.31 5.59 14.75
C ARG B 143 -27.79 6.16 13.39
N PHE B 144 -27.32 7.36 13.00
CA PHE B 144 -27.82 8.04 11.79
C PHE B 144 -26.94 7.93 10.54
N LEU B 145 -25.63 7.66 10.69
CA LEU B 145 -24.76 7.54 9.52
C LEU B 145 -24.34 6.09 9.24
N GLY B 146 -24.12 5.29 10.28
CA GLY B 146 -23.75 3.89 10.11
C GLY B 146 -22.44 3.48 10.76
N PRO B 147 -21.90 2.26 10.43
CA PRO B 147 -20.65 1.82 11.07
C PRO B 147 -19.45 2.70 10.71
N ILE B 148 -18.58 2.91 11.73
CA ILE B 148 -17.40 3.77 11.66
C ILE B 148 -16.08 2.97 11.76
N SER B 149 -15.09 3.36 10.93
CA SER B 149 -13.72 2.83 10.96
C SER B 149 -13.00 3.56 12.08
N ILE B 150 -12.62 2.84 13.16
CA ILE B 150 -11.99 3.46 14.32
C ILE B 150 -10.63 2.84 14.70
N SER B 151 -9.81 3.63 15.40
CA SER B 151 -8.52 3.21 15.94
C SER B 151 -8.71 2.75 17.38
N VAL B 152 -7.85 1.86 17.84
CA VAL B 152 -7.94 1.37 19.20
C VAL B 152 -6.57 0.87 19.66
N ALA B 153 -6.32 0.94 20.97
CA ALA B 153 -5.09 0.51 21.61
C ALA B 153 -5.28 -0.91 22.14
N VAL B 154 -4.73 -1.92 21.45
CA VAL B 154 -4.99 -3.29 21.91
C VAL B 154 -3.83 -3.87 22.78
N SER B 155 -4.23 -4.59 23.85
CA SER B 155 -3.34 -5.27 24.79
C SER B 155 -3.37 -6.77 24.52
N ASP B 156 -2.45 -7.58 25.13
CA ASP B 156 -2.43 -9.03 24.90
C ASP B 156 -3.66 -9.71 25.52
N ASP B 157 -4.32 -9.03 26.48
CA ASP B 157 -5.55 -9.51 27.10
C ASP B 157 -6.69 -9.45 26.12
N PHE B 158 -6.63 -8.47 25.21
CA PHE B 158 -7.61 -8.28 24.16
C PHE B 158 -7.60 -9.50 23.24
N ALA B 159 -6.43 -10.08 22.93
CA ALA B 159 -6.32 -11.27 22.08
C ALA B 159 -6.93 -12.51 22.74
N PHE B 160 -7.05 -12.49 24.08
CA PHE B 160 -7.59 -13.59 24.88
C PHE B 160 -9.07 -13.39 25.23
N TYR B 161 -9.72 -12.35 24.65
CA TYR B 161 -11.13 -12.05 24.84
C TYR B 161 -11.98 -13.18 24.26
N LYS B 162 -13.01 -13.59 25.01
CA LYS B 162 -13.88 -14.68 24.59
C LYS B 162 -15.34 -14.24 24.47
N GLU B 163 -15.87 -13.55 25.49
CA GLU B 163 -17.26 -13.07 25.51
C GLU B 163 -17.46 -11.98 26.57
N GLY B 164 -18.60 -11.29 26.48
CA GLY B 164 -18.97 -10.26 27.43
C GLY B 164 -18.48 -8.88 27.07
N ILE B 165 -18.28 -8.06 28.10
CA ILE B 165 -17.82 -6.69 27.92
C ILE B 165 -16.36 -6.60 28.34
N PHE B 166 -15.50 -6.19 27.40
CA PHE B 166 -14.08 -6.02 27.63
C PHE B 166 -13.82 -4.61 28.12
N ASP B 167 -12.94 -4.49 29.14
CA ASP B 167 -12.58 -3.29 29.85
C ASP B 167 -11.31 -3.48 30.69
N GLY B 168 -10.51 -2.42 30.71
CA GLY B 168 -9.34 -2.30 31.55
C GLY B 168 -8.07 -2.99 31.13
N GLU B 169 -7.98 -3.41 29.87
CA GLU B 169 -6.78 -4.08 29.37
C GLU B 169 -6.38 -3.39 28.06
N CYS B 170 -5.79 -2.17 28.20
CA CYS B 170 -5.43 -1.27 27.07
C CYS B 170 -3.96 -1.32 26.69
N GLY B 171 -3.75 -1.17 25.39
CA GLY B 171 -2.44 -1.11 24.76
C GLY B 171 -1.74 0.20 25.06
N ASP B 172 -0.43 0.21 24.83
CA ASP B 172 0.43 1.37 25.07
C ASP B 172 0.17 2.54 24.10
N GLN B 173 -0.19 2.23 22.83
CA GLN B 173 -0.49 3.19 21.76
C GLN B 173 -1.62 2.66 20.88
N LEU B 174 -2.21 3.55 20.09
CA LEU B 174 -3.26 3.14 19.15
C LEU B 174 -2.64 2.27 18.06
N ASN B 175 -2.83 0.97 18.15
CA ASN B 175 -2.20 0.01 17.23
C ASN B 175 -3.20 -0.86 16.43
N HIS B 176 -4.53 -0.63 16.52
CA HIS B 176 -5.43 -1.50 15.75
C HIS B 176 -6.61 -0.73 15.17
N ALA B 177 -7.02 -1.16 13.98
CA ALA B 177 -8.19 -0.61 13.28
C ALA B 177 -9.33 -1.64 13.26
N VAL B 178 -10.46 -1.21 13.78
CA VAL B 178 -11.68 -1.99 13.95
C VAL B 178 -12.87 -1.18 13.47
N MET B 179 -14.03 -1.84 13.39
CA MET B 179 -15.25 -1.14 13.02
C MET B 179 -16.13 -1.05 14.19
N LEU B 180 -16.74 0.10 14.36
CA LEU B 180 -17.72 0.33 15.38
C LEU B 180 -19.06 0.04 14.68
N VAL B 181 -19.80 -1.00 15.11
CA VAL B 181 -21.04 -1.40 14.43
C VAL B 181 -22.30 -1.10 15.26
N GLY B 182 -22.12 -0.66 16.49
CA GLY B 182 -23.25 -0.31 17.32
C GLY B 182 -22.92 -0.13 18.79
N PHE B 183 -23.97 -0.05 19.59
CA PHE B 183 -23.93 0.10 21.04
C PHE B 183 -25.09 -0.68 21.64
N GLY B 184 -24.97 -1.03 22.90
CA GLY B 184 -25.99 -1.79 23.58
C GLY B 184 -25.97 -1.57 25.07
N MET B 185 -26.92 -2.21 25.73
CA MET B 185 -27.08 -2.19 27.16
C MET B 185 -27.68 -3.50 27.64
N LYS B 186 -27.18 -3.98 28.75
CA LYS B 186 -27.71 -5.19 29.35
C LYS B 186 -27.89 -4.92 30.83
N GLU B 187 -29.12 -5.11 31.33
CA GLU B 187 -29.42 -4.94 32.74
C GLU B 187 -29.09 -6.25 33.42
N ILE B 188 -28.16 -6.20 34.36
CA ILE B 188 -27.69 -7.39 35.04
C ILE B 188 -27.86 -7.20 36.49
N VAL B 189 -28.64 -8.11 37.04
CA VAL B 189 -28.88 -8.21 38.46
C VAL B 189 -27.63 -8.84 39.05
N ASN B 190 -26.97 -8.12 39.96
CA ASN B 190 -25.80 -8.63 40.68
C ASN B 190 -26.31 -9.78 41.55
N PRO B 191 -25.85 -11.04 41.34
CA PRO B 191 -26.43 -12.17 42.09
C PRO B 191 -26.31 -12.03 43.60
N LEU B 192 -25.41 -11.18 44.04
CA LEU B 192 -25.24 -10.99 45.46
C LEU B 192 -26.00 -9.80 45.99
N THR B 193 -25.84 -8.62 45.35
CA THR B 193 -26.54 -7.41 45.77
C THR B 193 -28.07 -7.55 45.52
N LYS B 194 -28.46 -8.37 44.51
CA LYS B 194 -29.83 -8.66 44.04
C LYS B 194 -30.44 -7.38 43.45
N LYS B 195 -29.57 -6.50 42.91
CA LYS B 195 -29.94 -5.23 42.31
C LYS B 195 -29.50 -5.17 40.86
N GLY B 196 -30.43 -4.76 40.00
CA GLY B 196 -30.22 -4.60 38.58
C GLY B 196 -29.42 -3.34 38.27
N GLU B 197 -28.36 -3.51 37.47
CA GLU B 197 -27.45 -2.45 37.02
C GLU B 197 -27.46 -2.40 35.52
N LYS B 198 -27.46 -1.18 34.95
CA LYS B 198 -27.43 -0.99 33.49
C LYS B 198 -25.98 -0.99 33.01
N HIS B 199 -25.62 -1.94 32.13
CA HIS B 199 -24.27 -2.08 31.59
C HIS B 199 -24.27 -1.65 30.11
N TYR B 200 -23.67 -0.49 29.80
CA TYR B 200 -23.60 0.01 28.42
C TYR B 200 -22.30 -0.42 27.77
N TYR B 201 -22.34 -0.70 26.48
CA TYR B 201 -21.18 -1.16 25.73
C TYR B 201 -21.27 -0.79 24.26
N TYR B 202 -20.12 -0.71 23.59
CA TYR B 202 -19.97 -0.47 22.17
C TYR B 202 -19.78 -1.81 21.52
N ILE B 203 -20.34 -2.02 20.35
CA ILE B 203 -20.20 -3.28 19.64
C ILE B 203 -19.18 -3.08 18.53
N ILE B 204 -18.09 -3.88 18.55
CA ILE B 204 -17.01 -3.72 17.59
C ILE B 204 -16.80 -4.98 16.75
N LYS B 205 -16.57 -4.77 15.44
CA LYS B 205 -16.27 -5.81 14.46
C LYS B 205 -14.76 -5.90 14.28
N ASN B 206 -14.16 -7.04 14.66
CA ASN B 206 -12.72 -7.25 14.52
C ASN B 206 -12.40 -8.27 13.40
N SER B 207 -11.36 -8.02 12.60
CA SER B 207 -10.91 -8.84 11.47
C SER B 207 -9.90 -9.93 11.87
N TRP B 208 -10.25 -10.72 12.89
CA TRP B 208 -9.43 -11.82 13.42
C TRP B 208 -10.17 -13.16 13.32
N GLY B 209 -11.08 -13.22 12.36
CA GLY B 209 -11.88 -14.40 12.09
C GLY B 209 -13.07 -14.50 13.01
N GLN B 210 -13.97 -15.43 12.67
CA GLN B 210 -15.18 -15.69 13.45
C GLN B 210 -14.88 -16.51 14.69
N GLN B 211 -13.73 -17.20 14.75
CA GLN B 211 -13.40 -18.01 15.95
C GLN B 211 -13.01 -17.12 17.15
N TRP B 212 -12.70 -15.85 16.90
CA TRP B 212 -12.27 -14.88 17.90
C TRP B 212 -13.46 -14.21 18.55
N GLY B 213 -13.37 -14.09 19.86
CA GLY B 213 -14.37 -13.42 20.69
C GLY B 213 -15.77 -13.95 20.47
N GLU B 214 -16.73 -13.03 20.36
CA GLU B 214 -18.13 -13.36 20.13
C GLU B 214 -18.39 -13.31 18.64
N ARG B 215 -18.28 -14.45 17.92
CA ARG B 215 -18.48 -14.54 16.47
C ARG B 215 -17.62 -13.52 15.61
N GLY B 216 -16.45 -13.13 16.16
CA GLY B 216 -15.53 -12.19 15.52
C GLY B 216 -15.69 -10.77 16.01
N PHE B 217 -16.60 -10.57 17.00
CA PHE B 217 -16.97 -9.28 17.60
C PHE B 217 -16.60 -9.17 19.07
N ILE B 218 -16.48 -7.91 19.54
CA ILE B 218 -16.12 -7.60 20.91
C ILE B 218 -16.95 -6.43 21.43
N ASN B 219 -17.51 -6.57 22.64
CA ASN B 219 -18.26 -5.53 23.32
C ASN B 219 -17.31 -4.83 24.27
N ILE B 220 -17.25 -3.48 24.19
CA ILE B 220 -16.37 -2.64 25.03
C ILE B 220 -17.21 -1.71 25.91
N GLU B 221 -16.86 -1.63 27.20
CA GLU B 221 -17.55 -0.78 28.16
C GLU B 221 -17.56 0.70 27.77
N THR B 222 -18.77 1.27 27.77
CA THR B 222 -19.03 2.69 27.57
C THR B 222 -20.08 3.09 28.63
N ASP B 223 -20.54 4.35 28.55
CA ASP B 223 -21.58 4.93 29.39
C ASP B 223 -22.83 5.19 28.52
N GLU B 224 -23.92 5.73 29.11
CA GLU B 224 -25.18 6.04 28.39
C GLU B 224 -24.92 7.02 27.24
N SER B 225 -24.14 8.09 27.52
CA SER B 225 -23.79 9.16 26.59
C SER B 225 -22.95 8.64 25.41
N GLY B 226 -22.06 7.70 25.68
CA GLY B 226 -21.15 7.13 24.70
C GLY B 226 -19.87 7.93 24.64
N LEU B 227 -19.66 8.80 25.63
CA LEU B 227 -18.45 9.62 25.71
C LEU B 227 -17.28 8.79 26.21
N MET B 228 -17.57 7.71 26.99
CA MET B 228 -16.56 6.78 27.51
C MET B 228 -16.00 5.93 26.36
N ARG B 229 -14.74 6.21 26.01
CA ARG B 229 -14.02 5.54 24.95
C ARG B 229 -12.82 4.78 25.52
N LYS B 230 -13.03 3.51 25.88
CA LYS B 230 -11.97 2.69 26.47
C LYS B 230 -10.91 2.33 25.40
N CYS B 231 -9.62 2.35 25.78
CA CYS B 231 -8.44 2.04 24.95
C CYS B 231 -8.32 2.99 23.74
N GLY B 232 -8.71 4.25 23.96
CA GLY B 232 -8.70 5.30 22.95
C GLY B 232 -9.49 4.96 21.70
N LEU B 233 -10.55 4.13 21.86
CA LEU B 233 -11.40 3.74 20.74
C LEU B 233 -12.01 4.99 20.15
N GLY B 234 -11.97 5.06 18.84
CA GLY B 234 -12.54 6.20 18.13
C GLY B 234 -11.73 7.48 18.14
N THR B 235 -10.45 7.47 18.60
CA THR B 235 -9.58 8.66 18.56
C THR B 235 -9.53 9.10 17.11
N ASP B 236 -9.40 8.11 16.21
CA ASP B 236 -9.47 8.23 14.76
C ASP B 236 -10.76 7.54 14.37
N ALA B 237 -11.74 8.32 13.90
CA ALA B 237 -13.06 7.84 13.53
C ALA B 237 -13.45 8.41 12.18
N PHE B 238 -13.55 7.54 11.17
CA PHE B 238 -13.89 7.93 9.81
C PHE B 238 -15.01 7.06 9.26
N ILE B 239 -15.97 7.69 8.57
CA ILE B 239 -17.10 7.00 7.95
C ILE B 239 -17.16 7.39 6.43
N PRO B 240 -17.12 6.38 5.51
CA PRO B 240 -17.15 6.72 4.08
C PRO B 240 -18.54 7.07 3.62
N LEU B 241 -18.66 7.81 2.51
CA LEU B 241 -19.98 8.16 1.98
C LEU B 241 -20.03 7.97 0.47
#